data_9GCD
#
_entry.id   9GCD
#
_cell.length_a   74.080
_cell.length_b   74.080
_cell.length_c   49.790
_cell.angle_alpha   90.000
_cell.angle_beta   90.000
_cell.angle_gamma   90.000
#
_symmetry.space_group_name_H-M   'P 43'
#
loop_
_entity.id
_entity.type
_entity.pdbx_description
1 polymer Chymase
2 branched alpha-D-mannopyranose-(1-6)-beta-D-mannopyranose-(1-4)-2-acetamido-2-deoxy-beta-D-glucopyranose-(1-4)-2-acetamido-2-deoxy-beta-D-glucopyranose
3 branched 2-acetamido-2-deoxy-beta-D-glucopyranose-(1-4)-2-acetamido-2-deoxy-beta-D-glucopyranose
4 non-polymer '1-(3-methyl-2-oxidanylidene-1,3-benzoxazol-6-yl)-2,4-bis(oxidanylidene)-3-[(1R)-4-(trifluoromethyl)-2,3-dihydro-1H-inden-1-yl]pyrimidine-5-carboxylic acid'
5 non-polymer 'ZINC ION'
6 water water
#
_entity_poly.entity_id   1
_entity_poly.type   'polypeptide(L)'
_entity_poly.pdbx_seq_one_letter_code
;IIGGTECKPHSRPYMAYLEIVTSNGPSKFCGGFLIRRNFVLTAAHCAGRSITVTLGAHNITEEEDTWQKLEVIKQFRHPK
YNTSTLHHDIMLLKLKEKASLTLAVGTLPFPSQRNFVPPGRMCRVAGWGRTGVLKPGSDTLQEVKLRLMDPQACSHFRDF
DHNLQLCVGNPRKTKSAFKGDSGGPLLCAGAAQGIVSYGRSDAKPPAVFTRISHYQPWINQILQAN
;
_entity_poly.pdbx_strand_id   AAA
#
# COMPACT_ATOMS: atom_id res chain seq x y z
N ILE A 1 0.20 10.17 4.32
CA ILE A 1 0.92 9.88 5.60
C ILE A 1 0.78 11.14 6.46
N ILE A 2 0.18 10.97 7.61
CA ILE A 2 0.04 12.00 8.64
C ILE A 2 1.15 11.84 9.66
N GLY A 3 1.87 12.94 9.92
CA GLY A 3 2.80 13.03 11.03
C GLY A 3 4.13 12.35 10.73
N GLY A 4 4.44 12.18 9.44
CA GLY A 4 5.63 11.46 9.02
C GLY A 4 6.68 12.45 8.54
N THR A 5 7.68 11.94 7.82
CA THR A 5 8.78 12.72 7.28
C THR A 5 8.95 12.37 5.81
N GLU A 6 9.47 13.30 5.02
CA GLU A 6 9.82 13.01 3.64
C GLU A 6 10.91 11.94 3.62
N CYS A 7 10.72 10.92 2.78
CA CYS A 7 11.72 9.88 2.58
C CYS A 7 12.96 10.49 1.94
N LYS A 8 14.13 9.96 2.28
CA LYS A 8 15.29 10.19 1.44
C LYS A 8 14.97 9.69 0.03
N PRO A 9 15.11 10.51 -1.01
CA PRO A 9 14.64 10.09 -2.32
C PRO A 9 15.23 8.75 -2.77
N HIS A 10 14.35 7.85 -3.21
CA HIS A 10 14.72 6.55 -3.77
C HIS A 10 15.20 5.57 -2.71
N SER A 11 14.97 5.87 -1.43
CA SER A 11 15.43 5.01 -0.33
C SER A 11 14.54 3.80 -0.14
N ARG A 12 13.39 3.76 -0.81
CA ARG A 12 12.43 2.67 -0.71
C ARG A 12 12.12 2.21 -2.14
N PRO A 13 13.11 1.56 -2.79
CA PRO A 13 13.08 1.40 -4.24
C PRO A 13 12.02 0.43 -4.76
N TYR A 14 11.33 -0.26 -3.84
CA TYR A 14 10.24 -1.15 -4.19
C TYR A 14 8.88 -0.41 -4.26
N MET A 15 8.80 0.86 -3.88
CA MET A 15 7.52 1.54 -3.77
C MET A 15 6.95 1.78 -5.17
N ALA A 16 5.64 1.59 -5.28
CA ALA A 16 4.92 1.77 -6.53
C ALA A 16 3.81 2.77 -6.29
N TYR A 17 3.66 3.69 -7.23
CA TYR A 17 2.59 4.67 -7.24
C TYR A 17 1.61 4.21 -8.31
N LEU A 18 0.36 4.03 -7.89
CA LEU A 18 -0.65 3.47 -8.77
C LEU A 18 -1.64 4.58 -9.11
N GLU A 19 -1.93 4.70 -10.42
CA GLU A 19 -3.01 5.60 -10.87
C GLU A 19 -4.11 4.68 -11.39
N ILE A 20 -5.29 4.70 -10.77
CA ILE A 20 -6.35 3.71 -11.14
C ILE A 20 -7.47 4.40 -11.93
N VAL A 21 -7.87 3.79 -13.04
CA VAL A 21 -8.94 4.37 -13.88
C VAL A 21 -10.28 3.69 -13.59
N THR A 22 -11.35 4.47 -13.46
CA THR A 22 -12.73 3.93 -13.30
C THR A 22 -13.52 4.43 -14.51
N SER A 23 -14.51 3.66 -15.01
CA SER A 23 -15.22 4.11 -16.23
C SER A 23 -16.10 5.35 -16.04
N ASN A 24 -16.57 5.57 -14.78
CA ASN A 24 -17.55 6.60 -14.39
C ASN A 24 -17.02 7.63 -13.36
N GLY A 25 -15.70 7.74 -13.20
CA GLY A 25 -15.13 8.73 -12.31
C GLY A 25 -13.73 9.11 -12.75
N PRO A 26 -13.15 10.21 -12.20
CA PRO A 26 -11.75 10.53 -12.46
C PRO A 26 -10.86 9.48 -11.78
N SER A 27 -9.56 9.58 -12.11
CA SER A 27 -8.49 8.74 -11.57
C SER A 27 -8.48 8.78 -10.06
N LYS A 28 -8.12 7.63 -9.48
CA LYS A 28 -7.80 7.51 -8.07
C LYS A 28 -6.36 7.00 -7.94
N PHE A 29 -5.83 7.08 -6.73
CA PHE A 29 -4.42 6.82 -6.49
C PHE A 29 -4.27 5.87 -5.27
N CYS A 30 -3.23 5.04 -5.37
CA CYS A 30 -2.93 4.11 -4.26
C CYS A 30 -1.44 3.83 -4.24
N GLY A 31 -0.99 3.19 -3.16
CA GLY A 31 0.40 2.74 -3.14
C GLY A 31 0.46 1.24 -3.43
N GLY A 32 1.65 0.69 -3.49
CA GLY A 32 1.88 -0.73 -3.72
C GLY A 32 3.38 -0.98 -3.66
N PHE A 33 3.78 -2.21 -3.89
CA PHE A 33 5.21 -2.51 -3.80
C PHE A 33 5.57 -3.64 -4.75
N LEU A 34 6.76 -3.51 -5.30
CA LEU A 34 7.26 -4.47 -6.30
C LEU A 34 7.82 -5.70 -5.59
N ILE A 35 7.18 -6.86 -5.79
CA ILE A 35 7.63 -8.10 -5.16
C ILE A 35 8.36 -9.00 -6.14
N ARG A 36 8.11 -8.86 -7.45
CA ARG A 36 8.88 -9.49 -8.51
C ARG A 36 9.03 -8.46 -9.62
N ARG A 37 9.92 -8.66 -10.59
CA ARG A 37 10.14 -7.55 -11.52
C ARG A 37 8.88 -7.28 -12.34
N ASN A 38 7.94 -8.23 -12.44
CA ASN A 38 6.71 -7.97 -13.17
C ASN A 38 5.45 -8.14 -12.28
N PHE A 39 5.58 -8.02 -10.96
CA PHE A 39 4.44 -8.07 -10.06
C PHE A 39 4.52 -7.05 -8.94
N VAL A 40 3.39 -6.34 -8.76
CA VAL A 40 3.16 -5.40 -7.67
C VAL A 40 2.05 -5.89 -6.75
N LEU A 41 2.32 -5.83 -5.44
CA LEU A 41 1.33 -6.20 -4.44
C LEU A 41 0.68 -4.91 -3.94
N THR A 42 -0.64 -4.94 -3.78
CA THR A 42 -1.37 -3.78 -3.30
C THR A 42 -2.67 -4.27 -2.64
N ALA A 43 -3.57 -3.33 -2.35
CA ALA A 43 -4.89 -3.59 -1.76
C ALA A 43 -5.89 -3.88 -2.88
N ALA A 44 -6.79 -4.85 -2.65
CA ALA A 44 -7.89 -5.13 -3.58
C ALA A 44 -8.82 -3.91 -3.80
N HIS A 45 -8.96 -3.05 -2.79
CA HIS A 45 -9.88 -1.90 -2.96
C HIS A 45 -9.28 -0.88 -3.94
N CYS A 46 -8.04 -1.12 -4.36
CA CYS A 46 -7.38 -0.23 -5.35
C CYS A 46 -7.63 -0.73 -6.79
N ALA A 47 -8.46 -1.77 -6.96
CA ALA A 47 -8.79 -2.26 -8.28
C ALA A 47 -9.55 -1.19 -9.05
N GLY A 48 -9.45 -1.29 -10.38
CA GLY A 48 -10.19 -0.37 -11.28
C GLY A 48 -10.32 -0.98 -12.65
N ARG A 49 -10.81 -0.19 -13.62
CA ARG A 49 -10.92 -0.69 -15.02
C ARG A 49 -9.51 -0.91 -15.57
N SER A 50 -8.57 -0.05 -15.18
CA SER A 50 -7.17 -0.17 -15.65
C SER A 50 -6.23 0.53 -14.65
N ILE A 51 -4.98 0.10 -14.59
CA ILE A 51 -4.02 0.67 -13.66
C ILE A 51 -2.69 0.88 -14.36
N THR A 52 -2.05 2.02 -14.05
CA THR A 52 -0.68 2.28 -14.40
C THR A 52 0.16 2.34 -13.14
N VAL A 53 1.36 1.74 -13.21
CA VAL A 53 2.28 1.80 -12.10
C VAL A 53 3.46 2.71 -12.47
N THR A 54 3.87 3.54 -11.49
CA THR A 54 5.09 4.32 -11.63
C THR A 54 6.08 3.84 -10.56
N LEU A 55 7.18 3.24 -11.01
CA LEU A 55 8.31 2.88 -10.15
C LEU A 55 9.36 3.98 -10.25
N GLY A 56 10.21 4.06 -9.22
CA GLY A 56 11.35 4.95 -9.22
C GLY A 56 11.03 6.40 -8.80
N ALA A 57 9.82 6.63 -8.27
CA ALA A 57 9.37 7.98 -8.01
C ALA A 57 9.75 8.43 -6.61
N HIS A 58 10.02 9.74 -6.50
CA HIS A 58 10.04 10.43 -5.23
C HIS A 58 8.98 11.54 -5.25
N ASN A 59 9.30 12.66 -5.94
CA ASN A 59 8.34 13.70 -6.23
C ASN A 59 7.53 13.28 -7.45
N ILE A 60 6.29 12.88 -7.21
CA ILE A 60 5.52 12.22 -8.25
C ILE A 60 5.06 13.23 -9.30
N THR A 61 5.30 14.52 -9.07
CA THR A 61 4.84 15.50 -10.05
C THR A 61 5.91 15.82 -11.06
N GLU A 62 7.13 15.30 -10.86
CA GLU A 62 8.25 15.71 -11.70
C GLU A 62 8.96 14.48 -12.26
N GLU A 63 8.76 14.24 -13.56
CA GLU A 63 9.33 13.11 -14.26
C GLU A 63 10.85 13.20 -14.21
N GLU A 64 11.49 12.06 -13.93
CA GLU A 64 12.93 11.97 -13.89
C GLU A 64 13.38 10.63 -14.44
N ASP A 65 14.69 10.49 -14.70
CA ASP A 65 15.21 9.30 -15.32
C ASP A 65 14.99 8.03 -14.48
N THR A 66 14.82 8.14 -13.16
CA THR A 66 14.53 6.95 -12.35
C THR A 66 13.14 6.36 -12.65
N TRP A 67 12.21 7.17 -13.17
CA TRP A 67 10.86 6.69 -13.43
C TRP A 67 10.84 5.54 -14.42
N GLN A 68 9.99 4.57 -14.08
CA GLN A 68 9.59 3.54 -15.02
C GLN A 68 8.07 3.46 -14.90
N LYS A 69 7.36 3.97 -15.92
CA LYS A 69 5.92 3.87 -15.97
C LYS A 69 5.58 2.60 -16.71
N LEU A 70 4.83 1.71 -16.07
CA LEU A 70 4.58 0.41 -16.63
C LEU A 70 3.08 0.11 -16.64
N GLU A 71 2.64 -0.45 -17.77
CA GLU A 71 1.27 -0.93 -17.95
C GLU A 71 1.02 -2.18 -17.10
N VAL A 72 -0.16 -2.26 -16.47
CA VAL A 72 -0.62 -3.48 -15.85
C VAL A 72 -1.47 -4.24 -16.86
N ILE A 73 -1.15 -5.50 -17.12
CA ILE A 73 -1.94 -6.26 -18.07
C ILE A 73 -3.13 -6.95 -17.43
N LYS A 74 -2.98 -7.31 -16.15
CA LYS A 74 -3.99 -8.07 -15.44
C LYS A 74 -3.94 -7.73 -13.95
N GLN A 75 -5.13 -7.66 -13.36
CA GLN A 75 -5.36 -7.48 -11.94
C GLN A 75 -5.85 -8.81 -11.35
N PHE A 76 -5.17 -9.29 -10.30
CA PHE A 76 -5.55 -10.47 -9.54
C PHE A 76 -6.00 -10.08 -8.13
N ARG A 77 -7.28 -9.75 -8.03
CA ARG A 77 -7.92 -9.43 -6.78
C ARG A 77 -8.18 -10.74 -6.04
N HIS A 78 -7.94 -10.76 -4.73
CA HIS A 78 -8.20 -11.95 -3.95
C HIS A 78 -9.64 -12.40 -4.20
N PRO A 79 -9.84 -13.70 -4.48
CA PRO A 79 -11.18 -14.19 -4.86
C PRO A 79 -12.22 -14.10 -3.75
N LYS A 80 -11.80 -14.00 -2.49
CA LYS A 80 -12.73 -13.83 -1.37
C LYS A 80 -12.88 -12.38 -0.91
N TYR A 81 -12.24 -11.42 -1.61
CA TYR A 81 -12.30 -10.02 -1.23
C TYR A 81 -13.75 -9.56 -1.09
N ASN A 82 -14.01 -8.83 -0.01
CA ASN A 82 -15.35 -8.40 0.32
C ASN A 82 -15.38 -6.87 0.36
N THR A 83 -16.21 -6.25 -0.47
CA THR A 83 -16.14 -4.81 -0.67
C THR A 83 -16.74 -4.06 0.52
N SER A 84 -17.51 -4.75 1.37
CA SER A 84 -18.14 -4.16 2.55
C SER A 84 -17.20 -4.19 3.76
N THR A 85 -16.70 -5.37 4.08
CA THR A 85 -15.89 -5.59 5.27
C THR A 85 -14.41 -5.30 5.01
N LEU A 86 -14.04 -5.31 3.72
CA LEU A 86 -12.66 -5.30 3.23
C LEU A 86 -11.87 -6.49 3.75
N HIS A 87 -12.53 -7.60 4.07
CA HIS A 87 -11.80 -8.85 4.25
C HIS A 87 -11.07 -9.18 2.96
N HIS A 88 -9.87 -9.76 3.13
CA HIS A 88 -9.03 -10.22 2.04
C HIS A 88 -8.75 -9.07 1.08
N ASP A 89 -8.34 -7.92 1.65
CA ASP A 89 -7.98 -6.74 0.90
C ASP A 89 -6.54 -6.84 0.36
N ILE A 90 -6.41 -7.65 -0.69
CA ILE A 90 -5.11 -7.88 -1.27
C ILE A 90 -5.27 -8.17 -2.76
N MET A 91 -4.30 -7.70 -3.55
CA MET A 91 -4.37 -7.80 -5.01
C MET A 91 -2.96 -7.80 -5.59
N LEU A 92 -2.76 -8.66 -6.59
CA LEU A 92 -1.52 -8.67 -7.35
C LEU A 92 -1.74 -8.06 -8.74
N LEU A 93 -0.80 -7.19 -9.14
CA LEU A 93 -0.86 -6.60 -10.48
C LEU A 93 0.29 -7.17 -11.31
N LYS A 94 -0.04 -7.77 -12.44
CA LYS A 94 0.98 -8.24 -13.36
C LYS A 94 1.31 -7.13 -14.35
N LEU A 95 2.62 -6.80 -14.45
CA LEU A 95 3.10 -5.77 -15.36
C LEU A 95 3.36 -6.38 -16.73
N LYS A 96 3.23 -5.54 -17.76
CA LYS A 96 3.36 -5.96 -19.13
C LYS A 96 4.76 -6.48 -19.41
N GLU A 97 5.77 -5.83 -18.83
CA GLU A 97 7.13 -6.37 -18.90
C GLU A 97 7.77 -6.31 -17.52
N LYS A 98 8.92 -6.97 -17.41
CA LYS A 98 9.67 -6.88 -16.17
C LYS A 98 10.33 -5.52 -16.08
N ALA A 99 10.26 -4.92 -14.91
CA ALA A 99 10.94 -3.68 -14.62
C ALA A 99 12.45 -3.86 -14.73
N SER A 100 13.12 -2.76 -14.98
CA SER A 100 14.56 -2.70 -14.92
C SER A 100 14.93 -2.52 -13.46
N LEU A 101 16.02 -3.20 -13.08
CA LEU A 101 16.63 -3.06 -11.78
C LEU A 101 17.61 -1.92 -11.85
N THR A 102 17.41 -0.93 -10.96
CA THR A 102 18.27 0.23 -10.88
C THR A 102 18.50 0.51 -9.41
N LEU A 103 19.38 1.48 -9.08
CA LEU A 103 19.48 1.85 -7.68
C LEU A 103 18.11 2.28 -7.13
N ALA A 104 17.31 2.98 -7.95
CA ALA A 104 16.02 3.54 -7.53
C ALA A 104 14.85 2.54 -7.61
N VAL A 105 15.05 1.38 -8.29
CA VAL A 105 13.97 0.41 -8.45
C VAL A 105 14.52 -0.99 -8.19
N GLY A 106 13.89 -1.68 -7.26
CA GLY A 106 14.19 -3.07 -6.91
C GLY A 106 13.00 -3.72 -6.24
N THR A 107 13.03 -5.03 -6.16
CA THR A 107 11.98 -5.80 -5.53
C THR A 107 12.24 -5.90 -4.01
N LEU A 108 11.16 -6.17 -3.29
CA LEU A 108 11.24 -6.45 -1.88
C LEU A 108 10.94 -7.93 -1.69
N GLY A 120 3.38 -5.39 19.67
CA GLY A 120 4.14 -4.36 20.42
C GLY A 120 5.34 -3.74 19.68
N ARG A 121 5.73 -4.24 18.50
CA ARG A 121 6.91 -3.72 17.83
C ARG A 121 6.57 -2.50 16.97
N MET A 122 7.61 -1.77 16.54
CA MET A 122 7.44 -0.58 15.70
C MET A 122 7.71 -0.97 14.25
N CYS A 123 6.85 -0.47 13.36
CA CYS A 123 6.93 -0.74 11.94
C CYS A 123 6.85 0.58 11.20
N ARG A 124 7.17 0.56 9.90
CA ARG A 124 7.17 1.77 9.11
C ARG A 124 6.26 1.60 7.91
N VAL A 125 5.61 2.70 7.49
CA VAL A 125 4.82 2.69 6.28
C VAL A 125 5.16 3.96 5.49
N ALA A 126 5.17 3.82 4.17
CA ALA A 126 5.41 4.93 3.26
C ALA A 126 4.26 5.11 2.28
N GLY A 127 4.10 6.33 1.80
CA GLY A 127 3.12 6.62 0.75
C GLY A 127 3.09 8.08 0.33
N TRP A 128 2.31 8.33 -0.73
CA TRP A 128 2.07 9.65 -1.30
C TRP A 128 0.70 10.17 -0.90
N GLY A 129 0.06 9.55 0.09
CA GLY A 129 -1.28 9.96 0.51
C GLY A 129 -1.33 11.32 1.21
N ARG A 130 -2.55 11.73 1.61
CA ARG A 130 -2.79 13.03 2.23
C ARG A 130 -2.03 13.11 3.54
N THR A 131 -1.63 14.33 3.92
CA THR A 131 -0.82 14.54 5.11
C THR A 131 -1.69 15.07 6.24
N GLY A 132 -3.00 15.06 6.00
CA GLY A 132 -3.99 15.52 6.96
C GLY A 132 -5.39 15.33 6.39
N VAL A 133 -6.39 15.34 7.27
CA VAL A 133 -7.75 15.05 6.88
C VAL A 133 -8.13 15.99 5.73
N LEU A 134 -7.76 17.26 5.85
CA LEU A 134 -8.22 18.23 4.86
C LEU A 134 -7.13 18.56 3.85
N LYS A 135 -5.98 17.86 3.91
CA LYS A 135 -4.83 18.22 3.10
C LYS A 135 -4.81 17.42 1.81
N PRO A 136 -4.22 17.96 0.73
CA PRO A 136 -4.01 17.18 -0.48
C PRO A 136 -2.97 16.06 -0.33
N GLY A 137 -2.96 15.14 -1.30
CA GLY A 137 -1.93 14.12 -1.39
C GLY A 137 -0.55 14.75 -1.52
N SER A 138 0.45 14.07 -0.97
CA SER A 138 1.82 14.55 -0.91
C SER A 138 2.42 14.46 -2.31
N ASP A 139 3.18 15.49 -2.69
CA ASP A 139 3.99 15.43 -3.90
C ASP A 139 5.10 14.40 -3.74
N THR A 140 5.61 14.24 -2.50
CA THR A 140 6.79 13.43 -2.26
C THR A 140 6.45 12.20 -1.41
N LEU A 141 7.23 11.13 -1.56
CA LEU A 141 7.06 9.96 -0.72
C LEU A 141 7.40 10.30 0.72
N GLN A 142 6.45 9.98 1.61
CA GLN A 142 6.54 10.23 3.04
C GLN A 142 6.60 8.90 3.76
N GLU A 143 7.15 8.90 4.99
CA GLU A 143 7.17 7.69 5.79
C GLU A 143 6.88 8.00 7.26
N VAL A 144 6.32 7.03 7.96
CA VAL A 144 6.00 7.18 9.38
C VAL A 144 6.23 5.85 10.10
N LYS A 145 6.68 5.92 11.37
CA LYS A 145 6.83 4.76 12.23
C LYS A 145 5.57 4.63 13.07
N LEU A 146 4.97 3.43 13.08
CA LEU A 146 3.70 3.18 13.79
C LEU A 146 3.87 1.95 14.66
N ARG A 147 3.12 1.90 15.75
CA ARG A 147 3.19 0.78 16.67
C ARG A 147 2.19 -0.29 16.24
N LEU A 148 2.63 -1.56 16.25
CA LEU A 148 1.71 -2.68 16.12
C LEU A 148 0.94 -2.85 17.45
N MET A 149 -0.39 -2.86 17.37
CA MET A 149 -1.23 -2.92 18.55
C MET A 149 -1.81 -4.32 18.75
N ASP A 150 -2.15 -4.62 20.01
CA ASP A 150 -2.98 -5.77 20.33
C ASP A 150 -4.31 -5.65 19.60
N PRO A 151 -4.92 -6.77 19.14
CA PRO A 151 -6.11 -6.66 18.29
C PRO A 151 -7.29 -5.96 18.97
N GLN A 152 -7.35 -6.01 20.29
CA GLN A 152 -8.40 -5.32 21.04
C GLN A 152 -8.44 -3.82 20.72
N ALA A 153 -7.29 -3.26 20.35
CA ALA A 153 -7.21 -1.85 20.02
C ALA A 153 -8.06 -1.53 18.79
N CYS A 154 -8.37 -2.55 17.95
CA CYS A 154 -9.11 -2.36 16.70
C CYS A 154 -10.53 -2.92 16.78
N SER A 155 -11.03 -3.16 17.98
CA SER A 155 -12.32 -3.82 18.17
C SER A 155 -13.47 -3.04 17.57
N HIS A 156 -13.37 -1.70 17.61
CA HIS A 156 -14.40 -0.80 17.12
C HIS A 156 -14.62 -0.94 15.60
N PHE A 157 -13.62 -1.43 14.86
CA PHE A 157 -13.82 -1.91 13.52
C PHE A 157 -14.50 -3.29 13.64
N ARG A 158 -15.82 -3.32 13.52
CA ARG A 158 -16.58 -4.48 13.99
C ARG A 158 -16.27 -5.73 13.16
N ASP A 159 -15.74 -5.54 11.94
CA ASP A 159 -15.40 -6.68 11.09
C ASP A 159 -13.89 -6.91 11.03
N PHE A 160 -13.11 -6.30 11.95
CA PHE A 160 -11.69 -6.61 12.07
C PHE A 160 -11.50 -8.03 12.57
N ASP A 161 -10.48 -8.72 12.04
CA ASP A 161 -10.18 -10.08 12.45
C ASP A 161 -8.68 -10.19 12.64
N HIS A 162 -8.26 -10.56 13.86
CA HIS A 162 -6.84 -10.58 14.20
C HIS A 162 -6.07 -11.59 13.36
N ASN A 163 -6.72 -12.68 12.93
CA ASN A 163 -6.02 -13.64 12.09
C ASN A 163 -5.74 -13.11 10.68
N LEU A 164 -6.59 -12.20 10.18
CA LEU A 164 -6.50 -11.73 8.80
C LEU A 164 -5.74 -10.41 8.71
N GLN A 165 -5.71 -9.66 9.82
CA GLN A 165 -5.39 -8.24 9.75
C GLN A 165 -4.51 -7.82 10.93
N LEU A 166 -3.69 -6.80 10.70
CA LEU A 166 -2.91 -6.14 11.73
C LEU A 166 -3.63 -4.88 12.16
N CYS A 167 -3.42 -4.52 13.43
CA CYS A 167 -3.94 -3.30 14.03
C CYS A 167 -2.76 -2.38 14.29
N VAL A 168 -2.76 -1.18 13.67
CA VAL A 168 -1.53 -0.42 13.48
C VAL A 168 -1.77 1.04 13.83
N GLY A 169 -0.96 1.51 14.81
CA GLY A 169 -0.97 2.91 15.20
C GLY A 169 -1.53 3.14 16.60
N ASN A 170 -0.64 3.62 17.47
CA ASN A 170 -0.96 4.03 18.83
C ASN A 170 -2.05 5.10 18.78
N PRO A 171 -3.21 4.87 19.39
CA PRO A 171 -4.25 5.90 19.44
C PRO A 171 -3.91 7.22 20.14
N ARG A 172 -2.84 7.25 20.94
CA ARG A 172 -2.39 8.48 21.60
C ARG A 172 -1.52 9.36 20.71
N LYS A 173 -1.24 8.91 19.47
CA LYS A 173 -0.46 9.72 18.56
C LYS A 173 -1.35 10.01 17.36
N THR A 174 -1.02 11.06 16.61
CA THR A 174 -1.75 11.44 15.40
C THR A 174 -1.19 10.67 14.20
N LYS A 175 0.03 10.13 14.35
CA LYS A 175 0.73 9.49 13.25
C LYS A 175 -0.12 8.36 12.67
N SER A 176 -0.20 8.30 11.34
CA SER A 176 -1.16 7.44 10.65
C SER A 176 -0.89 7.38 9.16
N ALA A 177 -1.19 6.25 8.52
CA ALA A 177 -1.43 6.25 7.08
C ALA A 177 -2.82 6.84 6.82
N PHE A 178 -3.06 7.33 5.61
CA PHE A 178 -4.38 7.90 5.31
C PHE A 178 -4.74 7.72 3.83
N LYS A 179 -5.73 8.48 3.36
CA LYS A 179 -6.19 8.36 1.99
C LYS A 179 -5.00 8.55 1.04
N GLY A 180 -4.89 7.66 0.06
CA GLY A 180 -3.77 7.73 -0.89
C GLY A 180 -2.65 6.78 -0.53
N ASP A 181 -2.59 6.36 0.75
CA ASP A 181 -1.52 5.43 1.22
C ASP A 181 -1.99 3.99 1.05
N SER A 182 -3.28 3.78 0.77
CA SER A 182 -3.85 2.43 0.60
C SER A 182 -2.97 1.58 -0.33
N GLY A 183 -2.81 0.28 -0.01
CA GLY A 183 -2.06 -0.62 -0.90
C GLY A 183 -0.58 -0.66 -0.56
N GLY A 184 -0.09 0.35 0.17
CA GLY A 184 1.33 0.42 0.49
C GLY A 184 1.73 -0.62 1.53
N PRO A 185 3.02 -1.01 1.61
CA PRO A 185 3.48 -1.96 2.59
C PRO A 185 3.77 -1.34 3.95
N LEU A 186 3.58 -2.17 4.97
CA LEU A 186 4.07 -1.90 6.30
C LEU A 186 5.25 -2.82 6.50
N LEU A 187 6.45 -2.24 6.72
CA LEU A 187 7.64 -3.03 6.94
C LEU A 187 7.99 -3.05 8.43
N CYS A 188 8.35 -4.24 8.90
CA CYS A 188 8.77 -4.41 10.29
C CYS A 188 10.14 -5.09 10.23
N ALA A 189 11.18 -4.46 10.81
CA ALA A 189 12.55 -4.92 10.62
C ALA A 189 12.88 -5.16 9.15
N GLY A 190 12.39 -4.30 8.24
CA GLY A 190 12.75 -4.39 6.82
C GLY A 190 11.99 -5.46 6.02
N ALA A 191 11.04 -6.16 6.65
CA ALA A 191 10.28 -7.18 5.93
C ALA A 191 8.83 -6.72 5.85
N ALA A 192 8.19 -6.88 4.69
CA ALA A 192 6.80 -6.47 4.53
C ALA A 192 5.90 -7.37 5.35
N GLN A 193 5.10 -6.78 6.26
CA GLN A 193 4.21 -7.58 7.07
C GLN A 193 2.74 -7.23 6.86
N GLY A 194 2.48 -6.01 6.40
CA GLY A 194 1.12 -5.51 6.23
C GLY A 194 0.91 -4.77 4.92
N ILE A 195 -0.36 -4.62 4.55
CA ILE A 195 -0.79 -3.76 3.44
C ILE A 195 -1.79 -2.76 4.00
N VAL A 196 -1.56 -1.47 3.76
CA VAL A 196 -2.52 -0.43 4.22
C VAL A 196 -3.91 -0.76 3.67
N SER A 197 -4.91 -0.91 4.55
CA SER A 197 -6.29 -1.25 4.10
C SER A 197 -7.28 -0.11 4.42
N TYR A 198 -7.58 0.11 5.71
CA TYR A 198 -8.61 1.11 6.01
C TYR A 198 -8.43 1.70 7.41
N GLY A 199 -9.11 2.82 7.63
CA GLY A 199 -9.26 3.39 8.95
C GLY A 199 -10.37 4.43 8.99
N ARG A 200 -10.37 5.15 10.12
CA ARG A 200 -11.42 6.15 10.38
C ARG A 200 -11.25 7.39 9.52
N SER A 201 -12.38 7.94 9.08
CA SER A 201 -12.39 9.17 8.31
C SER A 201 -11.76 10.35 9.03
N ASP A 202 -11.74 10.33 10.36
CA ASP A 202 -11.13 11.42 11.16
C ASP A 202 -9.64 11.14 11.40
N ALA A 203 -9.10 10.05 10.83
CA ALA A 203 -7.65 9.75 10.91
C ALA A 203 -7.20 9.42 12.34
N LYS A 204 -8.13 9.12 13.24
CA LYS A 204 -7.74 8.70 14.61
C LYS A 204 -7.22 7.26 14.55
N PRO A 205 -5.94 7.00 14.89
CA PRO A 205 -5.43 5.63 14.91
C PRO A 205 -6.15 4.81 16.01
N PRO A 206 -6.14 3.47 15.91
CA PRO A 206 -5.37 2.77 14.89
C PRO A 206 -6.07 2.50 13.55
N ALA A 207 -5.32 2.01 12.57
CA ALA A 207 -5.87 1.60 11.29
C ALA A 207 -5.70 0.09 11.12
N VAL A 208 -6.32 -0.43 10.05
CA VAL A 208 -6.33 -1.85 9.77
C VAL A 208 -5.49 -2.12 8.53
N PHE A 209 -4.57 -3.07 8.66
CA PHE A 209 -3.71 -3.51 7.56
C PHE A 209 -3.99 -4.99 7.26
N THR A 210 -3.84 -5.38 5.98
CA THR A 210 -3.90 -6.79 5.65
C THR A 210 -2.68 -7.51 6.23
N ARG A 211 -2.88 -8.67 6.87
CA ARG A 211 -1.78 -9.47 7.39
C ARG A 211 -1.21 -10.36 6.28
N ILE A 212 -0.07 -9.98 5.73
CA ILE A 212 0.43 -10.63 4.52
C ILE A 212 0.67 -12.13 4.73
N SER A 213 1.19 -12.51 5.89
CA SER A 213 1.53 -13.89 6.19
C SER A 213 0.38 -14.84 5.87
N HIS A 214 -0.86 -14.43 6.17
CA HIS A 214 -2.03 -15.25 5.96
C HIS A 214 -2.22 -15.58 4.48
N TYR A 215 -1.76 -14.69 3.60
CA TYR A 215 -2.06 -14.73 2.16
C TYR A 215 -0.90 -15.28 1.36
N GLN A 216 0.18 -15.65 2.04
CA GLN A 216 1.40 -16.06 1.36
C GLN A 216 1.12 -17.25 0.44
N PRO A 217 0.37 -18.30 0.82
CA PRO A 217 0.04 -19.37 -0.12
C PRO A 217 -0.67 -18.89 -1.39
N TRP A 218 -1.62 -17.96 -1.22
CA TRP A 218 -2.36 -17.45 -2.37
C TRP A 218 -1.43 -16.61 -3.24
N ILE A 219 -0.58 -15.80 -2.64
CA ILE A 219 0.40 -15.03 -3.41
C ILE A 219 1.22 -16.00 -4.29
N ASN A 220 1.69 -17.10 -3.69
CA ASN A 220 2.57 -18.03 -4.39
C ASN A 220 1.85 -18.68 -5.55
N GLN A 221 0.59 -19.03 -5.33
CA GLN A 221 -0.27 -19.64 -6.32
C GLN A 221 -0.43 -18.75 -7.55
N ILE A 222 -0.72 -17.45 -7.34
CA ILE A 222 -0.83 -16.54 -8.46
C ILE A 222 0.50 -16.44 -9.24
N LEU A 223 1.61 -16.22 -8.53
CA LEU A 223 2.89 -16.03 -9.17
C LEU A 223 3.25 -17.26 -10.00
N GLN A 224 2.96 -18.47 -9.50
CA GLN A 224 3.39 -19.69 -10.20
C GLN A 224 2.55 -19.93 -11.45
N ALA A 225 1.32 -19.44 -11.48
CA ALA A 225 0.44 -19.60 -12.63
C ALA A 225 0.65 -18.48 -13.66
N ASN A 226 1.46 -17.48 -13.34
CA ASN A 226 1.53 -16.29 -14.21
C ASN A 226 2.99 -15.92 -14.49
#